data_3QPU
#
_entry.id   3QPU
#
_cell.length_a   102.975
_cell.length_b   102.975
_cell.length_c   258.128
_cell.angle_alpha   90.00
_cell.angle_beta   90.00
_cell.angle_gamma   120.00
#
_symmetry.space_group_name_H-M   'P 65 2 2'
#
loop_
_entity.id
_entity.type
_entity.pdbx_description
1 polymer '6-phosphofructo-2-kinase/fructose-2,6-biphosphatase 3'
2 non-polymer 'PYROPHOSPHATE 2-'
3 non-polymer 'S,R MESO-TARTARIC ACID'
4 non-polymer 1,2-ETHANEDIOL
5 water water
#
_entity_poly.entity_id   1
_entity_poly.type   'polypeptide(L)'
_entity_poly.pdbx_seq_one_letter_code
;MPLELTQSRVQKIWVPVDHRPSLPRSCGPKLTNSPTVIVMVGLPARGKTYISKKLTRYLNWIGVPTKVFNVGEYRREAVK
QYSSYNFFRPDNEEAMKVRKQCALAALRDVKSYLAKEGGQIAVFDATNTTRERRHMILHFAKENDFKAFFIESVCDDPTV
VASNIMEVKISSPDYKDCNSAEAMDDFMKRISCYEASYQPLDPDKCDRDLSLIKVIDVGRRFLVNRVQDHIQSRIVYYLM
NIHVQPRTIYLCRHGENEHNLQGRIGGDSGLSSRGKKFASALSKFVEEQNLKDLRVWTSQLKSTIQTAEALRLPYEQWKA
LNEIDAGVCEELTYEEIRDTYPEEYALREQDKYYYRYPTGESYQDLVQRLEPVIMELERQENVLVICHQAVLRCLLAYFL
DKSAEEMPYLKCPLHTVLKLTPVAYGCRVESIYLNVESVCTHRERSEDAKKGPNPLMRRNSVTPLASPEPTKKPRINSFE
EHVASTSAALPSCLPPEVPTQLPGQNMKGSRSSADSSRKH
;
_entity_poly.pdbx_strand_id   A
#
loop_
_chem_comp.id
_chem_comp.type
_chem_comp.name
_chem_comp.formula
EDO non-polymer 1,2-ETHANEDIOL 'C2 H6 O2'
POP non-polymer 'PYROPHOSPHATE 2-' 'H2 O7 P2 -2'
SRT non-polymer 'S,R MESO-TARTARIC ACID' 'C4 H6 O6'
#
# COMPACT_ATOMS: atom_id res chain seq x y z
N GLU A 4 25.66 -22.16 -21.43
CA GLU A 4 24.42 -22.08 -22.26
C GLU A 4 23.13 -21.71 -21.45
N LEU A 5 22.56 -20.58 -21.85
CA LEU A 5 21.42 -19.98 -21.15
C LEU A 5 20.24 -19.87 -22.10
N THR A 6 19.06 -19.87 -21.51
CA THR A 6 17.82 -19.58 -22.25
C THR A 6 17.05 -18.42 -21.59
N GLN A 7 16.37 -17.62 -22.39
CA GLN A 7 15.52 -16.54 -21.90
C GLN A 7 14.10 -17.02 -21.61
N SER A 8 13.65 -16.91 -20.37
CA SER A 8 12.25 -17.25 -20.07
C SER A 8 11.21 -16.49 -20.97
N ARG A 9 10.09 -17.12 -21.31
CA ARG A 9 9.11 -16.57 -22.31
C ARG A 9 8.43 -15.33 -21.75
N VAL A 10 8.02 -15.42 -20.49
CA VAL A 10 7.23 -14.36 -19.94
C VAL A 10 8.05 -13.20 -19.41
N GLN A 11 8.85 -13.42 -18.36
CA GLN A 11 9.63 -12.33 -17.79
C GLN A 11 10.91 -11.94 -18.55
N LYS A 12 11.34 -12.79 -19.49
CA LYS A 12 12.51 -12.54 -20.28
C LYS A 12 13.82 -12.62 -19.49
N ILE A 13 13.93 -13.50 -18.51
CA ILE A 13 15.10 -13.61 -17.62
C ILE A 13 15.99 -14.70 -18.17
N TRP A 14 17.30 -14.41 -18.34
CA TRP A 14 18.25 -15.44 -18.74
C TRP A 14 18.52 -16.39 -17.59
N VAL A 15 18.29 -17.68 -17.85
CA VAL A 15 18.42 -18.77 -16.87
C VAL A 15 19.18 -19.94 -17.53
N PRO A 16 19.93 -20.71 -16.72
CA PRO A 16 20.69 -21.80 -17.36
C PRO A 16 19.73 -22.86 -17.91
N VAL A 17 19.97 -23.41 -19.12
CA VAL A 17 19.13 -24.54 -19.61
C VAL A 17 19.06 -25.58 -18.50
N ASP A 18 17.84 -25.97 -18.18
CA ASP A 18 17.69 -27.01 -17.17
C ASP A 18 17.41 -28.28 -17.99
N HIS A 19 18.50 -28.96 -18.31
CA HIS A 19 18.44 -30.30 -18.86
C HIS A 19 18.39 -31.25 -17.71
N ARG A 20 17.28 -31.18 -16.99
CA ARG A 20 16.86 -32.16 -16.01
C ARG A 20 17.23 -33.59 -16.40
N PRO A 21 17.80 -34.32 -15.43
CA PRO A 21 17.99 -35.75 -15.65
C PRO A 21 16.58 -36.37 -15.79
N SER A 22 16.53 -37.65 -16.17
CA SER A 22 15.24 -38.27 -16.50
C SER A 22 14.27 -38.45 -15.31
N LEU A 23 14.79 -38.39 -14.07
CA LEU A 23 13.97 -38.31 -12.83
C LEU A 23 14.12 -36.87 -12.28
N PRO A 24 13.35 -35.90 -12.86
CA PRO A 24 13.61 -34.50 -12.42
C PRO A 24 13.34 -34.35 -10.92
N ARG A 25 14.34 -33.87 -10.18
CA ARG A 25 14.20 -33.52 -8.77
C ARG A 25 13.80 -32.05 -8.64
N SER A 26 12.95 -31.74 -7.65
CA SER A 26 12.54 -30.35 -7.36
C SER A 26 12.66 -30.04 -5.87
N CYS A 27 13.29 -28.89 -5.57
CA CYS A 27 13.72 -28.46 -4.22
C CYS A 27 12.63 -28.16 -3.13
N GLY A 28 11.39 -27.86 -3.54
CA GLY A 28 10.28 -27.45 -2.62
C GLY A 28 10.32 -27.90 -1.17
N SER A 34 14.59 -15.93 5.83
CA SER A 34 14.00 -16.02 7.21
C SER A 34 12.84 -15.00 7.46
N PRO A 35 11.68 -15.53 7.81
CA PRO A 35 10.48 -14.69 7.88
C PRO A 35 10.49 -13.76 9.09
N THR A 36 9.68 -12.70 9.02
CA THR A 36 9.63 -11.74 10.14
C THR A 36 8.23 -11.53 10.71
N VAL A 37 8.18 -11.48 12.04
CA VAL A 37 6.97 -11.06 12.76
C VAL A 37 7.19 -9.64 13.20
N ILE A 38 6.37 -8.74 12.72
CA ILE A 38 6.34 -7.37 13.22
C ILE A 38 5.31 -7.34 14.39
N VAL A 39 5.76 -6.92 15.56
CA VAL A 39 4.94 -6.95 16.73
C VAL A 39 4.53 -5.51 17.04
N MET A 40 3.25 -5.14 16.87
CA MET A 40 2.78 -3.78 17.24
C MET A 40 2.68 -3.67 18.74
N VAL A 41 2.95 -2.48 19.30
CA VAL A 41 2.89 -2.30 20.75
C VAL A 41 2.29 -0.94 21.04
N GLY A 42 1.44 -0.84 22.05
CA GLY A 42 0.84 0.46 22.37
C GLY A 42 -0.58 0.45 22.92
N LEU A 43 -0.93 1.53 23.63
CA LEU A 43 -2.27 1.71 24.16
C LEU A 43 -3.32 1.70 23.04
N PRO A 44 -4.61 1.46 23.37
CA PRO A 44 -5.57 1.54 22.30
C PRO A 44 -5.69 2.98 21.72
N ALA A 45 -6.04 3.02 20.42
CA ALA A 45 -6.24 4.23 19.68
C ALA A 45 -4.95 4.99 19.43
N ARG A 46 -3.86 4.26 19.27
CA ARG A 46 -2.59 4.91 19.02
C ARG A 46 -2.17 4.68 17.57
N GLY A 47 -3.04 4.16 16.70
CA GLY A 47 -2.60 4.09 15.31
C GLY A 47 -1.97 2.74 14.94
N LYS A 48 -1.96 1.78 15.87
CA LYS A 48 -1.32 0.50 15.58
C LYS A 48 -1.94 -0.16 14.35
N THR A 49 -3.27 -0.13 14.26
CA THR A 49 -3.96 -0.86 13.19
C THR A 49 -3.80 -0.09 11.87
N TYR A 50 -3.86 1.21 11.95
CA TYR A 50 -3.61 2.08 10.81
C TYR A 50 -2.14 1.84 10.25
N ILE A 51 -1.14 1.80 11.12
CA ILE A 51 0.17 1.45 10.74
C ILE A 51 0.24 0.05 10.19
N SER A 52 -0.40 -0.93 10.85
CA SER A 52 -0.31 -2.28 10.35
C SER A 52 -0.86 -2.34 8.91
N LYS A 53 -2.00 -1.70 8.64
CA LYS A 53 -2.66 -1.94 7.33
C LYS A 53 -1.89 -1.22 6.20
N LYS A 54 -1.36 -0.05 6.49
CA LYS A 54 -0.71 0.76 5.53
C LYS A 54 0.74 0.25 5.23
N LEU A 55 1.46 -0.17 6.25
CA LEU A 55 2.68 -0.89 6.05
C LEU A 55 2.52 -2.18 5.20
N THR A 56 1.44 -2.91 5.44
CA THR A 56 1.23 -4.14 4.69
C THR A 56 0.94 -3.85 3.22
N ARG A 57 0.22 -2.77 2.99
CA ARG A 57 -0.20 -2.34 1.68
C ARG A 57 1.07 -1.94 0.89
N TYR A 58 1.96 -1.16 1.51
CA TYR A 58 3.26 -0.88 0.97
C TYR A 58 4.11 -2.11 0.69
N LEU A 59 4.28 -2.99 1.67
CA LEU A 59 5.09 -4.19 1.53
C LEU A 59 4.60 -5.14 0.43
N ASN A 60 3.28 -5.38 0.40
CA ASN A 60 2.80 -6.23 -0.64
C ASN A 60 3.02 -5.57 -2.03
N TRP A 61 2.99 -4.23 -2.14
CA TRP A 61 2.90 -3.58 -3.46
C TRP A 61 4.33 -3.67 -4.00
N ILE A 62 5.32 -3.51 -3.12
CA ILE A 62 6.69 -3.69 -3.61
C ILE A 62 7.02 -5.14 -3.69
N GLY A 63 6.09 -6.07 -3.45
CA GLY A 63 6.39 -7.50 -3.73
C GLY A 63 6.85 -8.33 -2.53
N VAL A 64 6.76 -7.82 -1.31
CA VAL A 64 6.97 -8.66 -0.10
C VAL A 64 5.62 -9.20 0.46
N PRO A 65 5.32 -10.53 0.34
CA PRO A 65 3.99 -10.97 0.89
C PRO A 65 3.86 -10.79 2.41
N THR A 66 2.80 -10.07 2.76
CA THR A 66 2.60 -9.58 4.11
C THR A 66 1.14 -9.68 4.42
N LYS A 67 0.88 -9.96 5.69
CA LYS A 67 -0.48 -10.12 6.10
C LYS A 67 -0.61 -9.59 7.55
N VAL A 68 -1.71 -8.87 7.79
CA VAL A 68 -2.09 -8.41 9.16
C VAL A 68 -2.90 -9.49 9.94
N PHE A 69 -2.49 -9.71 11.19
CA PHE A 69 -3.17 -10.59 12.16
C PHE A 69 -3.63 -9.67 13.26
N ASN A 70 -4.88 -9.25 13.16
CA ASN A 70 -5.44 -8.25 14.08
C ASN A 70 -6.15 -9.03 15.21
N VAL A 71 -5.52 -9.14 16.37
CA VAL A 71 -6.11 -9.91 17.47
C VAL A 71 -7.52 -9.42 17.85
N GLY A 72 -7.76 -8.13 17.73
CA GLY A 72 -9.08 -7.59 17.91
C GLY A 72 -10.13 -8.29 17.03
N GLU A 73 -9.76 -8.71 15.81
CA GLU A 73 -10.72 -9.42 14.96
C GLU A 73 -10.91 -10.84 15.43
N TYR A 74 -9.89 -11.45 16.00
CA TYR A 74 -10.06 -12.80 16.57
C TYR A 74 -10.97 -12.70 17.79
N ARG A 75 -10.83 -11.63 18.57
CA ARG A 75 -11.71 -11.41 19.69
C ARG A 75 -13.16 -11.14 19.22
N ARG A 76 -13.37 -10.41 18.11
CA ARG A 76 -14.76 -10.20 17.60
C ARG A 76 -15.47 -11.48 17.18
N GLU A 77 -14.74 -12.42 16.63
CA GLU A 77 -15.29 -13.70 16.24
C GLU A 77 -15.51 -14.63 17.43
N ALA A 78 -14.78 -14.45 18.51
CA ALA A 78 -14.85 -15.41 19.58
C ALA A 78 -15.96 -15.06 20.58
N VAL A 79 -16.39 -13.79 20.59
CA VAL A 79 -17.24 -13.32 21.64
C VAL A 79 -18.57 -12.83 21.13
N LYS A 80 -18.55 -12.14 20.01
CA LYS A 80 -19.81 -11.57 19.46
C LYS A 80 -20.57 -10.62 20.42
N GLN A 81 -20.95 -9.51 19.83
CA GLN A 81 -21.35 -8.31 20.53
C GLN A 81 -20.63 -7.88 21.81
N TYR A 82 -19.68 -6.99 21.55
CA TYR A 82 -19.10 -6.13 22.52
C TYR A 82 -20.14 -5.24 23.16
N SER A 83 -20.18 -5.27 24.49
CA SER A 83 -21.07 -4.44 25.29
C SER A 83 -20.34 -3.31 26.03
N SER A 84 -19.14 -3.57 26.61
CA SER A 84 -18.43 -2.45 27.22
C SER A 84 -16.98 -2.63 27.60
N TYR A 85 -16.36 -1.53 28.00
CA TYR A 85 -15.03 -1.60 28.47
C TYR A 85 -14.82 -2.61 29.63
N ASN A 86 -15.88 -2.98 30.34
CA ASN A 86 -15.71 -3.98 31.39
C ASN A 86 -14.99 -5.23 30.90
N PHE A 87 -15.13 -5.50 29.63
CA PHE A 87 -14.50 -6.69 29.07
C PHE A 87 -12.98 -6.56 29.23
N PHE A 88 -12.49 -5.33 29.21
CA PHE A 88 -11.03 -5.10 29.29
C PHE A 88 -10.45 -4.84 30.72
N ARG A 89 -11.27 -4.87 31.76
CA ARG A 89 -10.70 -4.75 33.13
C ARG A 89 -9.61 -5.81 33.40
N PRO A 90 -8.46 -5.41 33.92
CA PRO A 90 -7.42 -6.35 34.42
C PRO A 90 -7.94 -7.32 35.46
N ASP A 91 -9.03 -7.03 36.20
CA ASP A 91 -9.61 -8.05 37.10
C ASP A 91 -10.66 -9.02 36.48
N ASN A 92 -10.88 -8.93 35.17
CA ASN A 92 -11.82 -9.82 34.45
C ASN A 92 -11.11 -11.14 34.08
N GLU A 93 -11.16 -12.12 34.95
CA GLU A 93 -10.26 -13.27 34.74
C GLU A 93 -10.67 -14.10 33.50
N GLU A 94 -11.98 -14.27 33.30
CA GLU A 94 -12.50 -14.95 32.12
C GLU A 94 -12.08 -14.23 30.84
N ALA A 95 -12.31 -12.90 30.77
CA ALA A 95 -11.94 -12.15 29.56
C ALA A 95 -10.43 -12.19 29.38
N MET A 96 -9.66 -12.14 30.48
CA MET A 96 -8.19 -12.16 30.31
C MET A 96 -7.78 -13.44 29.58
N LYS A 97 -8.43 -14.53 29.98
CA LYS A 97 -8.21 -15.83 29.41
C LYS A 97 -8.67 -15.92 27.94
N VAL A 98 -9.82 -15.34 27.59
CA VAL A 98 -10.26 -15.27 26.22
C VAL A 98 -9.28 -14.42 25.36
N ARG A 99 -8.87 -13.29 25.91
CA ARG A 99 -7.94 -12.44 25.19
C ARG A 99 -6.64 -13.21 24.88
N LYS A 100 -6.15 -14.00 25.85
CA LYS A 100 -4.88 -14.66 25.68
C LYS A 100 -5.11 -15.77 24.65
N GLN A 101 -6.25 -16.45 24.67
CA GLN A 101 -6.56 -17.47 23.62
C GLN A 101 -6.70 -16.86 22.22
N CYS A 102 -7.20 -15.62 22.14
CA CYS A 102 -7.28 -14.95 20.86
C CYS A 102 -5.86 -14.71 20.34
N ALA A 103 -4.98 -14.26 21.24
CA ALA A 103 -3.61 -13.97 20.83
C ALA A 103 -2.94 -15.25 20.35
N LEU A 104 -3.13 -16.35 21.10
CA LEU A 104 -2.46 -17.61 20.77
C LEU A 104 -2.97 -18.15 19.47
N ALA A 105 -4.26 -17.98 19.21
CA ALA A 105 -4.88 -18.40 17.94
C ALA A 105 -4.33 -17.59 16.73
N ALA A 106 -4.09 -16.28 16.95
CA ALA A 106 -3.49 -15.46 15.94
C ALA A 106 -2.06 -15.91 15.69
N LEU A 107 -1.33 -16.27 16.75
CA LEU A 107 0.04 -16.77 16.60
C LEU A 107 0.05 -18.08 15.82
N ARG A 108 -0.94 -18.98 16.01
CA ARG A 108 -0.95 -20.21 15.21
CA ARG A 108 -0.95 -20.21 15.23
C ARG A 108 -1.09 -19.89 13.74
N ASP A 109 -1.94 -18.91 13.41
CA ASP A 109 -2.13 -18.46 12.07
C ASP A 109 -0.86 -17.76 11.50
N VAL A 110 -0.15 -16.97 12.32
CA VAL A 110 1.13 -16.41 11.93
C VAL A 110 2.10 -17.54 11.52
N LYS A 111 2.16 -18.58 12.35
CA LYS A 111 3.06 -19.72 12.14
C LYS A 111 2.74 -20.36 10.79
N SER A 112 1.47 -20.57 10.58
CA SER A 112 1.07 -21.20 9.40
C SER A 112 1.38 -20.27 8.16
N TYR A 113 1.15 -18.96 8.29
CA TYR A 113 1.31 -18.09 7.17
C TYR A 113 2.79 -18.04 6.76
N LEU A 114 3.67 -17.85 7.72
CA LEU A 114 5.06 -17.73 7.43
C LEU A 114 5.72 -19.10 7.07
N ALA A 115 5.28 -20.23 7.63
CA ALA A 115 6.06 -21.43 7.50
C ALA A 115 5.48 -22.33 6.47
N LYS A 116 4.24 -22.09 6.07
CA LYS A 116 3.57 -22.95 5.13
C LYS A 116 2.89 -22.24 3.99
N GLU A 117 2.59 -20.95 4.10
CA GLU A 117 1.81 -20.43 3.01
C GLU A 117 2.62 -19.50 2.11
N GLY A 118 3.92 -19.44 2.31
CA GLY A 118 4.77 -18.51 1.53
C GLY A 118 4.85 -17.07 2.02
N GLY A 119 4.29 -16.76 3.20
CA GLY A 119 4.26 -15.35 3.63
C GLY A 119 5.62 -14.97 4.11
N GLN A 120 5.97 -13.71 4.10
CA GLN A 120 7.30 -13.36 4.45
C GLN A 120 7.23 -12.40 5.67
N ILE A 121 6.15 -11.61 5.79
CA ILE A 121 6.03 -10.73 6.94
C ILE A 121 4.62 -10.89 7.46
N ALA A 122 4.52 -11.17 8.76
CA ALA A 122 3.24 -11.22 9.46
C ALA A 122 3.23 -10.03 10.41
N VAL A 123 2.19 -9.20 10.36
CA VAL A 123 2.10 -8.09 11.26
C VAL A 123 1.11 -8.49 12.34
N PHE A 124 1.62 -8.64 13.56
CA PHE A 124 0.88 -9.08 14.72
C PHE A 124 0.38 -7.86 15.45
N ASP A 125 -0.89 -7.54 15.23
CA ASP A 125 -1.44 -6.27 15.64
C ASP A 125 -2.30 -6.47 16.90
N ALA A 126 -1.76 -6.08 18.05
CA ALA A 126 -2.46 -6.20 19.34
C ALA A 126 -1.82 -5.20 20.24
N THR A 127 -2.36 -4.96 21.42
CA THR A 127 -1.75 -3.98 22.35
C THR A 127 -0.37 -4.43 22.80
N ASN A 128 -0.19 -5.68 23.21
CA ASN A 128 1.14 -6.14 23.59
C ASN A 128 1.88 -5.19 24.55
N THR A 129 1.17 -4.71 25.59
CA THR A 129 1.71 -3.63 26.40
C THR A 129 2.57 -4.10 27.61
N THR A 130 2.63 -5.40 27.88
CA THR A 130 3.42 -5.87 28.99
C THR A 130 4.63 -6.61 28.45
N ARG A 131 5.72 -6.51 29.22
CA ARG A 131 6.90 -7.30 28.94
C ARG A 131 6.59 -8.77 28.91
N GLU A 132 5.73 -9.25 29.82
CA GLU A 132 5.44 -10.66 29.84
C GLU A 132 4.82 -11.19 28.53
N ARG A 133 3.84 -10.50 27.99
CA ARG A 133 3.31 -10.80 26.67
C ARG A 133 4.35 -10.67 25.57
N ARG A 134 5.17 -9.64 25.60
CA ARG A 134 6.20 -9.53 24.52
C ARG A 134 7.25 -10.65 24.67
N HIS A 135 7.52 -11.05 25.93
CA HIS A 135 8.47 -12.15 26.12
C HIS A 135 7.92 -13.44 25.53
N MET A 136 6.64 -13.72 25.74
CA MET A 136 6.05 -14.88 25.10
C MET A 136 6.12 -14.85 23.54
N ILE A 137 5.86 -13.69 22.92
CA ILE A 137 5.89 -13.56 21.46
C ILE A 137 7.32 -13.78 20.96
N LEU A 138 8.29 -13.23 21.66
CA LEU A 138 9.69 -13.54 21.34
C LEU A 138 10.02 -15.05 21.45
N HIS A 139 9.40 -15.75 22.40
CA HIS A 139 9.64 -17.18 22.51
C HIS A 139 9.06 -17.89 21.32
N PHE A 140 7.87 -17.49 20.94
CA PHE A 140 7.24 -17.97 19.72
C PHE A 140 8.13 -17.72 18.48
N ALA A 141 8.73 -16.56 18.38
CA ALA A 141 9.51 -16.24 17.19
C ALA A 141 10.79 -17.10 17.24
N LYS A 142 11.41 -17.18 18.44
CA LYS A 142 12.68 -17.94 18.55
C LYS A 142 12.38 -19.39 18.24
N GLU A 143 11.33 -19.97 18.80
CA GLU A 143 11.08 -21.38 18.56
C GLU A 143 10.76 -21.74 17.10
N ASN A 144 10.28 -20.78 16.30
CA ASN A 144 9.95 -21.05 14.91
C ASN A 144 10.97 -20.54 13.90
N ASP A 145 12.05 -19.94 14.40
CA ASP A 145 13.04 -19.28 13.54
C ASP A 145 12.57 -18.02 12.79
N PHE A 146 11.67 -17.29 13.42
CA PHE A 146 11.21 -16.09 12.83
C PHE A 146 12.02 -15.03 13.44
N LYS A 147 12.29 -13.99 12.69
CA LYS A 147 12.81 -12.78 13.34
C LYS A 147 11.63 -12.02 13.91
N ALA A 148 11.94 -11.14 14.87
CA ALA A 148 10.98 -10.27 15.52
C ALA A 148 11.40 -8.79 15.46
N PHE A 149 10.48 -7.91 15.02
CA PHE A 149 10.67 -6.48 14.94
C PHE A 149 9.47 -5.79 15.63
N PHE A 150 9.72 -4.93 16.59
CA PHE A 150 8.66 -4.28 17.33
C PHE A 150 8.45 -2.85 16.88
N ILE A 151 7.18 -2.44 16.71
CA ILE A 151 6.85 -1.07 16.39
C ILE A 151 5.91 -0.61 17.52
N GLU A 152 6.35 0.35 18.30
CA GLU A 152 5.60 0.89 19.38
C GLU A 152 5.15 2.26 19.00
N SER A 153 3.85 2.47 19.15
CA SER A 153 3.32 3.76 18.82
C SER A 153 2.92 4.50 20.09
N VAL A 154 3.46 5.69 20.32
CA VAL A 154 3.32 6.36 21.63
C VAL A 154 2.65 7.69 21.32
N CYS A 155 1.57 7.96 22.03
CA CYS A 155 0.80 9.17 21.77
C CYS A 155 0.27 9.80 23.06
N ASP A 156 0.69 11.02 23.35
CA ASP A 156 0.41 11.65 24.62
C ASP A 156 -0.39 12.92 24.43
N ASP A 157 -0.90 13.10 23.22
CA ASP A 157 -1.72 14.23 22.82
C ASP A 157 -3.21 13.85 22.75
N PRO A 158 -4.01 14.31 23.74
CA PRO A 158 -5.41 13.87 23.82
C PRO A 158 -6.20 14.19 22.54
N THR A 159 -5.81 15.29 21.89
CA THR A 159 -6.36 15.67 20.59
C THR A 159 -6.27 14.58 19.52
N VAL A 160 -5.11 13.92 19.47
CA VAL A 160 -4.89 12.89 18.45
C VAL A 160 -5.63 11.59 18.83
N VAL A 161 -5.55 11.20 20.10
CA VAL A 161 -6.30 10.02 20.58
C VAL A 161 -7.80 10.22 20.32
N ALA A 162 -8.31 11.42 20.62
CA ALA A 162 -9.74 11.68 20.41
C ALA A 162 -10.15 11.58 18.93
N SER A 163 -9.33 12.17 18.07
CA SER A 163 -9.50 12.10 16.65
C SER A 163 -9.41 10.68 16.07
N ASN A 164 -8.44 9.90 16.53
CA ASN A 164 -8.44 8.45 16.15
C ASN A 164 -9.72 7.74 16.54
N ILE A 165 -10.19 8.02 17.74
CA ILE A 165 -11.40 7.39 18.17
C ILE A 165 -12.58 7.75 17.25
N MET A 166 -12.74 9.05 16.97
CA MET A 166 -13.80 9.53 16.06
C MET A 166 -13.67 8.95 14.66
N GLU A 167 -12.44 8.81 14.15
CA GLU A 167 -12.24 8.33 12.80
C GLU A 167 -12.39 6.80 12.58
N VAL A 168 -11.92 6.00 13.54
CA VAL A 168 -12.01 4.56 13.29
C VAL A 168 -12.69 3.73 14.37
N LYS A 169 -12.83 4.27 15.59
CA LYS A 169 -13.38 3.48 16.71
C LYS A 169 -14.92 3.48 16.81
N ILE A 170 -15.53 4.67 16.89
CA ILE A 170 -16.99 4.83 17.13
C ILE A 170 -17.84 4.15 16.07
N SER A 171 -17.31 4.06 14.85
CA SER A 171 -17.97 3.39 13.72
C SER A 171 -17.63 1.90 13.60
N SER A 172 -16.84 1.39 14.54
CA SER A 172 -16.51 -0.06 14.60
C SER A 172 -17.75 -0.97 14.82
N PRO A 173 -17.67 -2.24 14.37
CA PRO A 173 -18.76 -3.20 14.76
C PRO A 173 -18.96 -3.32 16.30
N ASP A 174 -17.87 -3.08 17.06
CA ASP A 174 -17.94 -3.06 18.54
C ASP A 174 -19.03 -2.14 19.07
N TYR A 175 -19.13 -0.95 18.48
CA TYR A 175 -20.02 0.11 18.89
C TYR A 175 -21.31 0.20 18.07
N LYS A 176 -21.61 -0.87 17.37
CA LYS A 176 -22.88 -1.08 16.66
C LYS A 176 -24.10 -0.43 17.39
N ASP A 177 -24.34 -0.82 18.64
CA ASP A 177 -25.54 -0.42 19.41
C ASP A 177 -25.40 0.96 20.06
N CYS A 178 -24.40 1.72 19.63
CA CYS A 178 -23.97 2.90 20.35
C CYS A 178 -24.00 4.19 19.56
N ASN A 179 -24.37 5.26 20.23
CA ASN A 179 -24.08 6.57 19.69
C ASN A 179 -22.71 7.12 20.10
N SER A 180 -22.37 8.25 19.51
CA SER A 180 -21.01 8.78 19.48
C SER A 180 -20.41 9.16 20.83
N ALA A 181 -21.14 9.92 21.63
CA ALA A 181 -20.60 10.34 22.89
C ALA A 181 -20.43 9.13 23.80
N GLU A 182 -21.27 8.10 23.65
CA GLU A 182 -21.17 7.02 24.62
C GLU A 182 -20.05 6.02 24.27
N ALA A 183 -19.93 5.74 22.97
CA ALA A 183 -18.78 5.09 22.35
C ALA A 183 -17.47 5.77 22.75
N MET A 184 -17.39 7.08 22.55
CA MET A 184 -16.19 7.83 22.94
C MET A 184 -15.94 7.63 24.46
N ASP A 185 -17.01 7.74 25.24
CA ASP A 185 -16.88 7.60 26.67
C ASP A 185 -16.38 6.17 27.08
N ASP A 186 -16.92 5.16 26.42
CA ASP A 186 -16.57 3.79 26.73
C ASP A 186 -15.05 3.55 26.39
N PHE A 187 -14.62 4.11 25.27
CA PHE A 187 -13.30 3.83 24.71
C PHE A 187 -12.29 4.43 25.64
N MET A 188 -12.58 5.61 26.16
CA MET A 188 -11.67 6.25 27.13
C MET A 188 -11.51 5.41 28.39
N LYS A 189 -12.58 4.78 28.85
CA LYS A 189 -12.51 3.89 30.00
C LYS A 189 -11.71 2.64 29.64
N ARG A 190 -11.89 2.14 28.41
CA ARG A 190 -11.11 1.05 27.90
C ARG A 190 -9.63 1.36 27.95
N ILE A 191 -9.26 2.50 27.40
CA ILE A 191 -7.86 2.89 27.44
C ILE A 191 -7.36 2.86 28.87
N SER A 192 -8.11 3.41 29.82
CA SER A 192 -7.52 3.55 31.14
C SER A 192 -7.33 2.18 31.82
N CYS A 193 -8.07 1.15 31.39
CA CYS A 193 -7.76 -0.23 31.83
C CYS A 193 -6.32 -0.70 31.69
N TYR A 194 -5.61 -0.19 30.67
CA TYR A 194 -4.27 -0.65 30.29
C TYR A 194 -3.13 0.09 30.94
N GLU A 195 -3.45 1.24 31.53
CA GLU A 195 -2.44 2.21 32.00
C GLU A 195 -1.57 1.72 33.17
N ALA A 196 -2.18 1.05 34.16
CA ALA A 196 -1.39 0.64 35.32
C ALA A 196 -0.25 -0.34 34.93
N SER A 197 -0.56 -1.25 33.99
CA SER A 197 0.35 -2.34 33.70
C SER A 197 1.15 -2.06 32.47
N TYR A 198 0.98 -0.91 31.82
CA TYR A 198 1.71 -0.63 30.55
C TYR A 198 3.21 -0.40 30.81
N GLN A 199 4.05 -1.15 30.09
CA GLN A 199 5.53 -1.11 30.15
C GLN A 199 6.08 -0.85 28.77
N PRO A 200 6.35 0.43 28.45
CA PRO A 200 6.86 0.87 27.14
C PRO A 200 8.16 0.14 26.81
N LEU A 201 8.48 0.00 25.53
CA LEU A 201 9.78 -0.56 25.21
C LEU A 201 10.88 0.35 25.76
N ASP A 202 11.89 -0.27 26.33
CA ASP A 202 12.99 0.47 26.93
C ASP A 202 14.35 -0.03 26.41
N PRO A 203 14.78 0.50 25.27
CA PRO A 203 16.03 0.11 24.60
C PRO A 203 17.34 0.41 25.34
N ASP A 204 17.31 1.13 26.46
CA ASP A 204 18.55 1.53 27.13
C ASP A 204 18.87 0.54 28.22
N LYS A 205 17.88 -0.28 28.55
CA LYS A 205 18.01 -1.27 29.60
C LYS A 205 17.43 -2.60 29.12
N CYS A 206 16.28 -2.98 29.66
CA CYS A 206 15.71 -4.29 29.42
C CYS A 206 15.49 -4.70 27.96
N ASP A 207 15.26 -3.73 27.05
CA ASP A 207 15.03 -4.07 25.64
C ASP A 207 16.24 -3.81 24.70
N ARG A 208 17.43 -3.62 25.30
CA ARG A 208 18.70 -3.32 24.58
C ARG A 208 18.87 -4.18 23.34
N ASP A 209 18.43 -5.43 23.43
CA ASP A 209 18.74 -6.38 22.39
C ASP A 209 17.62 -6.55 21.36
N LEU A 210 16.48 -5.90 21.53
CA LEU A 210 15.38 -6.09 20.58
C LEU A 210 15.54 -5.17 19.38
N SER A 211 15.09 -5.66 18.24
CA SER A 211 14.98 -4.82 17.09
C SER A 211 13.65 -4.09 17.19
N LEU A 212 13.65 -2.76 17.14
CA LEU A 212 12.44 -2.00 17.34
C LEU A 212 12.51 -0.57 16.82
N ILE A 213 11.32 0.01 16.61
CA ILE A 213 11.18 1.42 16.44
C ILE A 213 10.02 1.92 17.33
N LYS A 214 10.28 2.96 18.10
CA LYS A 214 9.25 3.69 18.79
C LYS A 214 8.91 4.95 18.00
N VAL A 215 7.66 5.05 17.51
CA VAL A 215 7.13 6.22 16.84
C VAL A 215 6.50 7.08 17.94
N ILE A 216 6.99 8.29 18.11
CA ILE A 216 6.60 9.22 19.20
C ILE A 216 6.16 10.58 18.62
N ASP A 217 5.44 11.40 19.41
CA ASP A 217 5.15 12.86 19.11
C ASP A 217 4.53 12.97 17.70
N VAL A 218 3.51 12.14 17.44
CA VAL A 218 2.82 12.23 16.17
C VAL A 218 3.73 12.04 14.93
N GLY A 219 4.43 10.91 14.86
CA GLY A 219 5.45 10.68 13.83
C GLY A 219 6.57 11.72 13.82
N ARG A 220 6.99 12.24 14.95
CA ARG A 220 7.98 13.28 14.87
C ARG A 220 9.35 12.89 15.39
N ARG A 221 9.32 12.10 16.46
CA ARG A 221 10.50 11.48 17.03
C ARG A 221 10.52 9.96 16.83
N PHE A 222 11.68 9.42 16.41
CA PHE A 222 11.88 8.00 16.36
C PHE A 222 13.06 7.50 17.22
N LEU A 223 12.89 6.37 17.88
CA LEU A 223 14.02 5.67 18.44
C LEU A 223 14.08 4.32 17.69
N VAL A 224 15.23 4.04 17.05
CA VAL A 224 15.44 2.85 16.22
C VAL A 224 16.58 2.08 16.81
N ASN A 225 16.34 0.79 17.07
CA ASN A 225 17.30 -0.12 17.72
C ASN A 225 17.47 -1.39 16.93
N ARG A 226 18.73 -1.68 16.61
CA ARG A 226 19.20 -2.91 15.96
C ARG A 226 18.45 -3.45 14.78
N VAL A 227 18.31 -2.61 13.77
CA VAL A 227 17.85 -3.07 12.49
C VAL A 227 18.77 -4.19 11.98
N GLN A 228 18.19 -5.25 11.44
CA GLN A 228 18.92 -6.49 11.22
C GLN A 228 19.14 -6.79 9.76
N ASP A 229 18.25 -6.31 8.91
CA ASP A 229 18.29 -6.66 7.53
C ASP A 229 17.68 -5.59 6.64
N HIS A 230 17.59 -5.96 5.37
CA HIS A 230 17.19 -5.11 4.25
C HIS A 230 15.70 -4.71 4.49
N ILE A 231 14.83 -5.70 4.64
CA ILE A 231 13.42 -5.45 4.85
C ILE A 231 13.07 -4.58 6.06
N GLN A 232 13.77 -4.75 7.19
CA GLN A 232 13.56 -3.88 8.35
C GLN A 232 13.99 -2.47 8.09
N SER A 233 15.04 -2.35 7.31
CA SER A 233 15.60 -1.06 6.95
C SER A 233 14.59 -0.29 6.06
N ARG A 234 13.97 -0.97 5.10
CA ARG A 234 12.91 -0.38 4.25
C ARG A 234 11.68 0.05 5.14
N ILE A 235 11.36 -0.75 6.18
CA ILE A 235 10.18 -0.51 7.04
C ILE A 235 10.36 0.76 7.78
N VAL A 236 11.54 0.91 8.35
CA VAL A 236 11.82 2.07 9.18
C VAL A 236 11.77 3.32 8.33
N TYR A 237 12.30 3.20 7.11
CA TYR A 237 12.40 4.36 6.21
C TYR A 237 10.99 4.85 5.82
N TYR A 238 10.17 3.86 5.53
CA TYR A 238 8.75 4.05 5.25
C TYR A 238 8.02 4.72 6.42
N LEU A 239 8.16 4.15 7.63
CA LEU A 239 7.46 4.66 8.82
C LEU A 239 7.91 6.05 9.12
N MET A 240 9.17 6.33 8.80
CA MET A 240 9.62 7.71 9.01
C MET A 240 9.17 8.71 7.98
N ASN A 241 8.48 8.32 6.92
CA ASN A 241 8.05 9.27 5.89
C ASN A 241 6.53 9.35 5.67
N ILE A 242 5.77 8.62 6.47
CA ILE A 242 4.34 8.75 6.44
C ILE A 242 3.86 9.76 7.51
N HIS A 243 2.69 10.34 7.28
CA HIS A 243 2.14 11.37 8.20
C HIS A 243 0.62 11.30 8.07
N VAL A 244 -0.09 11.82 9.06
CA VAL A 244 -1.54 11.62 9.08
C VAL A 244 -2.34 12.85 8.65
N GLN A 245 -1.70 14.01 8.47
CA GLN A 245 -2.45 15.19 8.04
C GLN A 245 -3.19 14.80 6.72
N PRO A 246 -4.55 15.00 6.72
CA PRO A 246 -5.38 14.85 5.48
C PRO A 246 -4.90 15.76 4.35
N ARG A 247 -4.93 15.19 3.14
CA ARG A 247 -4.61 15.88 1.93
C ARG A 247 -5.34 15.23 0.73
N THR A 248 -5.05 15.66 -0.48
CA THR A 248 -5.67 15.02 -1.64
C THR A 248 -4.62 14.61 -2.65
N ILE A 249 -4.83 13.46 -3.29
CA ILE A 249 -4.01 13.15 -4.43
C ILE A 249 -4.90 13.03 -5.62
N TYR A 250 -4.59 13.73 -6.70
CA TYR A 250 -5.26 13.51 -7.95
C TYR A 250 -4.38 12.78 -8.94
N LEU A 251 -4.94 11.84 -9.66
CA LEU A 251 -4.19 11.14 -10.71
C LEU A 251 -4.96 11.24 -12.01
N CYS A 252 -4.26 11.53 -13.11
CA CYS A 252 -4.91 11.39 -14.38
C CYS A 252 -3.88 11.08 -15.41
N ARG A 253 -4.33 10.64 -16.58
CA ARG A 253 -3.51 10.56 -17.71
C ARG A 253 -3.40 11.88 -18.42
N HIS A 254 -2.38 12.03 -19.23
CA HIS A 254 -2.26 13.12 -20.18
C HIS A 254 -3.51 13.15 -21.05
N GLY A 255 -3.81 14.30 -21.64
CA GLY A 255 -4.88 14.37 -22.64
C GLY A 255 -4.62 13.40 -23.74
N GLU A 256 -5.65 13.06 -24.50
CA GLU A 256 -5.45 12.23 -25.66
C GLU A 256 -4.31 12.74 -26.53
N ASN A 257 -3.52 11.81 -27.08
CA ASN A 257 -2.38 12.20 -27.87
C ASN A 257 -2.48 11.58 -29.24
N GLU A 258 -1.59 11.95 -30.14
CA GLU A 258 -1.73 11.46 -31.51
C GLU A 258 -1.52 9.98 -31.70
N HIS A 259 -0.68 9.35 -30.90
CA HIS A 259 -0.64 7.90 -30.95
C HIS A 259 -1.95 7.26 -30.40
N ASN A 260 -2.57 7.90 -29.41
CA ASN A 260 -3.92 7.45 -28.97
C ASN A 260 -4.86 7.37 -30.16
N LEU A 261 -4.93 8.43 -30.99
CA LEU A 261 -5.82 8.42 -32.17
C LEU A 261 -5.47 7.36 -33.21
N GLN A 262 -4.21 6.94 -33.31
CA GLN A 262 -3.90 5.94 -34.32
C GLN A 262 -3.85 4.57 -33.70
N GLY A 263 -4.17 4.46 -32.40
CA GLY A 263 -4.09 3.17 -31.67
C GLY A 263 -2.66 2.61 -31.67
N ARG A 264 -1.67 3.49 -31.63
CA ARG A 264 -0.29 3.05 -31.59
C ARG A 264 0.20 3.15 -30.10
N ILE A 265 0.93 2.18 -29.59
CA ILE A 265 1.25 2.22 -28.14
C ILE A 265 2.58 2.94 -27.91
N GLY A 266 2.81 3.36 -26.67
CA GLY A 266 4.07 4.05 -26.36
C GLY A 266 4.37 5.28 -27.16
N GLY A 267 5.64 5.44 -27.48
CA GLY A 267 6.14 6.64 -28.14
C GLY A 267 6.13 7.89 -27.28
N ASP A 268 6.33 9.04 -27.93
CA ASP A 268 6.37 10.33 -27.26
C ASP A 268 5.60 11.39 -28.07
N SER A 269 4.37 11.06 -28.53
CA SER A 269 3.58 11.97 -29.38
C SER A 269 2.93 13.13 -28.58
N GLY A 270 2.48 14.16 -29.30
CA GLY A 270 1.86 15.33 -28.65
C GLY A 270 0.34 15.18 -28.55
N LEU A 271 -0.26 16.05 -27.74
CA LEU A 271 -1.68 16.12 -27.60
C LEU A 271 -2.32 16.32 -28.94
N SER A 272 -3.42 15.60 -29.17
CA SER A 272 -4.42 15.98 -30.19
C SER A 272 -5.22 17.19 -29.77
N SER A 273 -6.07 17.67 -30.67
CA SER A 273 -6.92 18.81 -30.35
C SER A 273 -7.92 18.49 -29.21
N ARG A 274 -8.46 17.28 -29.14
CA ARG A 274 -9.25 16.96 -27.92
C ARG A 274 -8.37 16.87 -26.64
N GLY A 275 -7.13 16.34 -26.77
CA GLY A 275 -6.22 16.29 -25.62
C GLY A 275 -6.02 17.70 -25.07
N LYS A 276 -5.92 18.67 -25.95
CA LYS A 276 -5.74 20.06 -25.50
C LYS A 276 -7.03 20.62 -24.89
N LYS A 277 -8.17 20.15 -25.37
CA LYS A 277 -9.44 20.53 -24.67
C LYS A 277 -9.47 19.88 -23.30
N PHE A 278 -9.07 18.61 -23.21
CA PHE A 278 -8.94 18.06 -21.84
C PHE A 278 -8.04 18.90 -20.99
N ALA A 279 -6.91 19.30 -21.55
CA ALA A 279 -5.95 20.04 -20.73
C ALA A 279 -6.56 21.35 -20.21
N SER A 280 -7.27 22.08 -21.06
CA SER A 280 -8.10 23.21 -20.53
C SER A 280 -9.12 22.87 -19.50
N ALA A 281 -9.89 21.82 -19.72
CA ALA A 281 -10.84 21.40 -18.69
C ALA A 281 -10.14 21.04 -17.36
N LEU A 282 -8.98 20.41 -17.45
CA LEU A 282 -8.25 20.04 -16.24
C LEU A 282 -7.86 21.32 -15.51
N SER A 283 -7.39 22.28 -16.26
CA SER A 283 -7.11 23.58 -15.65
C SER A 283 -8.33 24.14 -14.97
N LYS A 284 -9.48 24.11 -15.66
CA LYS A 284 -10.70 24.62 -14.97
C LYS A 284 -11.03 23.83 -13.70
N PHE A 285 -10.94 22.51 -13.79
CA PHE A 285 -11.22 21.67 -12.64
C PHE A 285 -10.30 21.96 -11.44
N VAL A 286 -9.00 22.10 -11.70
CA VAL A 286 -8.09 22.36 -10.62
C VAL A 286 -8.46 23.66 -9.94
N GLU A 287 -8.72 24.68 -10.73
CA GLU A 287 -9.11 25.95 -10.13
C GLU A 287 -10.34 25.81 -9.21
N GLU A 288 -11.36 25.09 -9.65
CA GLU A 288 -12.51 24.95 -8.72
C GLU A 288 -12.33 24.01 -7.53
N GLN A 289 -11.25 23.23 -7.51
CA GLN A 289 -10.97 22.51 -6.28
C GLN A 289 -10.49 23.49 -5.23
N ASN A 290 -9.97 24.63 -5.71
CA ASN A 290 -9.63 25.74 -4.83
C ASN A 290 -8.61 25.38 -3.75
N LEU A 291 -7.52 24.75 -4.15
CA LEU A 291 -6.57 24.15 -3.17
C LEU A 291 -5.44 25.08 -2.79
N LYS A 292 -5.14 25.11 -1.50
CA LYS A 292 -4.08 25.94 -0.93
C LYS A 292 -2.84 26.05 -1.87
N ASP A 293 -2.09 24.95 -1.89
CA ASP A 293 -0.87 24.85 -2.64
C ASP A 293 -1.15 23.49 -3.24
N LEU A 294 -0.75 23.31 -4.47
CA LEU A 294 -0.98 22.06 -5.15
C LEU A 294 0.32 21.77 -5.89
N ARG A 295 0.95 20.62 -5.62
CA ARG A 295 2.08 20.23 -6.45
C ARG A 295 1.62 19.48 -7.67
N VAL A 296 2.33 19.68 -8.77
CA VAL A 296 2.00 19.03 -10.02
C VAL A 296 3.20 18.24 -10.52
N TRP A 297 3.06 16.92 -10.70
CA TRP A 297 4.11 16.09 -11.26
C TRP A 297 3.71 15.57 -12.62
N THR A 298 4.67 15.49 -13.54
CA THR A 298 4.45 14.93 -14.82
C THR A 298 5.56 13.91 -15.09
N SER A 299 5.46 13.21 -16.21
CA SER A 299 6.54 12.40 -16.64
C SER A 299 7.44 13.28 -17.53
N GLN A 300 8.39 12.67 -18.25
CA GLN A 300 9.22 13.43 -19.16
C GLN A 300 8.68 13.26 -20.60
N LEU A 301 7.55 12.57 -20.79
CA LEU A 301 6.99 12.47 -22.17
C LEU A 301 6.15 13.70 -22.45
N LYS A 302 6.23 14.17 -23.68
CA LYS A 302 5.66 15.47 -24.12
C LYS A 302 4.17 15.71 -23.74
N SER A 303 3.34 14.68 -23.89
CA SER A 303 1.92 14.94 -23.76
C SER A 303 1.54 15.20 -22.32
N THR A 304 2.27 14.64 -21.33
CA THR A 304 1.95 14.99 -19.96
C THR A 304 2.38 16.43 -19.63
N ILE A 305 3.53 16.85 -20.17
CA ILE A 305 4.05 18.17 -19.96
C ILE A 305 3.13 19.25 -20.61
N GLN A 306 2.69 19.02 -21.84
CA GLN A 306 1.68 19.91 -22.43
C GLN A 306 0.43 20.04 -21.58
N THR A 307 0.02 18.90 -20.98
CA THR A 307 -1.19 18.89 -20.21
C THR A 307 -0.94 19.78 -18.98
N ALA A 308 0.23 19.65 -18.33
CA ALA A 308 0.51 20.50 -17.19
C ALA A 308 0.69 22.00 -17.54
N GLU A 309 1.22 22.29 -18.71
CA GLU A 309 1.44 23.68 -19.15
C GLU A 309 0.06 24.39 -19.23
N ALA A 310 -1.03 23.65 -19.50
CA ALA A 310 -2.37 24.27 -19.60
C ALA A 310 -2.77 24.80 -18.26
N LEU A 311 -2.15 24.27 -17.20
CA LEU A 311 -2.54 24.64 -15.83
C LEU A 311 -1.94 25.95 -15.34
N ARG A 312 -0.84 26.39 -15.95
CA ARG A 312 -0.18 27.64 -15.51
C ARG A 312 0.20 27.51 -14.04
N LEU A 313 0.61 26.30 -13.62
CA LEU A 313 1.13 26.09 -12.30
C LEU A 313 2.54 25.54 -12.46
N PRO A 314 3.42 25.77 -11.47
CA PRO A 314 4.75 25.14 -11.54
C PRO A 314 4.58 23.61 -11.46
N TYR A 315 5.32 22.87 -12.29
CA TYR A 315 5.30 21.41 -12.18
C TYR A 315 6.69 20.83 -12.22
N GLU A 316 6.77 19.56 -11.87
CA GLU A 316 8.05 18.89 -11.79
C GLU A 316 8.02 17.63 -12.66
N GLN A 317 8.99 17.46 -13.56
CA GLN A 317 9.04 16.26 -14.42
C GLN A 317 9.81 15.11 -13.79
N TRP A 318 9.27 13.89 -13.80
CA TRP A 318 9.94 12.71 -13.28
C TRP A 318 10.06 11.70 -14.37
N LYS A 319 11.25 11.23 -14.57
CA LYS A 319 11.48 10.18 -15.56
C LYS A 319 10.87 8.88 -15.04
N ALA A 320 10.84 8.72 -13.73
CA ALA A 320 10.16 7.54 -13.17
C ALA A 320 8.66 7.46 -13.55
N LEU A 321 8.07 8.59 -13.93
CA LEU A 321 6.65 8.51 -14.28
C LEU A 321 6.39 8.15 -15.74
N ASN A 322 7.45 7.96 -16.52
CA ASN A 322 7.24 7.72 -17.97
C ASN A 322 6.48 6.38 -18.15
N GLU A 323 5.78 6.24 -19.27
CA GLU A 323 5.00 5.05 -19.54
C GLU A 323 5.91 3.81 -19.53
N ILE A 324 5.31 2.66 -19.30
CA ILE A 324 5.99 1.38 -19.39
C ILE A 324 6.67 1.27 -20.79
N ASP A 325 7.90 0.81 -20.83
CA ASP A 325 8.64 0.69 -22.08
C ASP A 325 8.20 -0.57 -22.87
N ALA A 326 7.60 -0.43 -24.04
CA ALA A 326 7.15 -1.60 -24.83
C ALA A 326 8.25 -2.28 -25.67
N GLY A 327 9.50 -1.81 -25.59
CA GLY A 327 10.62 -2.50 -26.21
C GLY A 327 10.41 -2.56 -27.71
N VAL A 328 10.56 -3.75 -28.29
CA VAL A 328 10.39 -3.87 -29.76
C VAL A 328 8.97 -3.47 -30.23
N CYS A 329 8.01 -3.40 -29.30
CA CYS A 329 6.65 -3.10 -29.68
C CYS A 329 6.33 -1.61 -29.68
N GLU A 330 7.29 -0.79 -29.28
CA GLU A 330 7.10 0.65 -29.23
C GLU A 330 6.51 1.14 -30.53
N GLU A 331 5.41 1.91 -30.44
CA GLU A 331 4.87 2.62 -31.62
C GLU A 331 4.23 1.73 -32.68
N LEU A 332 3.95 0.49 -32.32
CA LEU A 332 3.17 -0.43 -33.12
C LEU A 332 1.72 -0.24 -32.73
N THR A 333 0.82 -0.55 -33.65
CA THR A 333 -0.58 -0.58 -33.28
C THR A 333 -0.84 -1.94 -32.67
N TYR A 334 -1.97 -2.09 -31.98
CA TYR A 334 -2.30 -3.39 -31.38
C TYR A 334 -2.42 -4.52 -32.44
N GLU A 335 -2.85 -4.20 -33.67
CA GLU A 335 -2.97 -5.19 -34.76
C GLU A 335 -1.63 -5.55 -35.36
N GLU A 336 -0.77 -4.55 -35.58
CA GLU A 336 0.60 -4.88 -35.99
C GLU A 336 1.30 -5.73 -34.93
N ILE A 337 0.92 -5.58 -33.65
CA ILE A 337 1.50 -6.42 -32.60
C ILE A 337 1.01 -7.86 -32.75
N ARG A 338 -0.31 -8.03 -32.79
CA ARG A 338 -0.96 -9.33 -32.98
C ARG A 338 -0.44 -10.12 -34.19
N ASP A 339 -0.07 -9.40 -35.27
CA ASP A 339 0.25 -9.98 -36.58
C ASP A 339 1.76 -10.19 -36.83
N THR A 340 2.60 -9.41 -36.15
CA THR A 340 4.06 -9.61 -36.16
C THR A 340 4.56 -10.41 -34.96
N TYR A 341 3.89 -10.28 -33.81
CA TYR A 341 4.31 -10.93 -32.57
C TYR A 341 3.17 -11.69 -31.94
N PRO A 342 2.56 -12.65 -32.69
CA PRO A 342 1.46 -13.42 -32.11
C PRO A 342 1.83 -14.11 -30.79
N GLU A 343 3.04 -14.69 -30.73
CA GLU A 343 3.51 -15.38 -29.51
C GLU A 343 3.53 -14.38 -28.32
N GLU A 344 4.14 -13.22 -28.55
CA GLU A 344 4.32 -12.23 -27.52
C GLU A 344 2.96 -11.69 -27.06
N TYR A 345 2.08 -11.39 -28.04
CA TYR A 345 0.71 -10.91 -27.77
C TYR A 345 -0.02 -11.81 -26.75
N ALA A 346 0.02 -13.10 -27.05
CA ALA A 346 -0.75 -14.10 -26.32
C ALA A 346 -0.22 -14.33 -24.90
N LEU A 347 1.10 -14.38 -24.76
CA LEU A 347 1.76 -14.47 -23.42
C LEU A 347 1.42 -13.31 -22.46
N ARG A 348 1.43 -12.10 -22.98
CA ARG A 348 1.06 -10.92 -22.25
C ARG A 348 -0.38 -11.08 -21.68
N GLU A 349 -1.32 -11.53 -22.51
CA GLU A 349 -2.73 -11.72 -22.08
C GLU A 349 -2.89 -12.78 -21.00
N GLN A 350 -1.94 -13.69 -20.98
CA GLN A 350 -1.95 -14.80 -20.06
C GLN A 350 -1.39 -14.38 -18.71
N ASP A 351 -0.48 -13.40 -18.69
CA ASP A 351 0.23 -13.13 -17.43
C ASP A 351 0.70 -11.66 -17.46
N LYS A 352 -0.27 -10.76 -17.34
CA LYS A 352 -0.07 -9.38 -17.72
C LYS A 352 0.81 -8.58 -16.73
N TYR A 353 0.80 -8.94 -15.46
CA TYR A 353 1.64 -8.27 -14.54
C TYR A 353 3.15 -8.58 -14.74
N TYR A 354 3.46 -9.86 -14.98
CA TYR A 354 4.83 -10.40 -14.99
C TYR A 354 5.44 -10.32 -16.36
N TYR A 355 4.59 -10.27 -17.36
CA TYR A 355 5.06 -10.22 -18.71
C TYR A 355 5.94 -9.02 -19.00
N ARG A 356 7.08 -9.25 -19.64
CA ARG A 356 7.92 -8.15 -20.05
C ARG A 356 8.02 -8.13 -21.54
N TYR A 357 7.94 -6.93 -22.12
CA TYR A 357 8.13 -6.78 -23.57
C TYR A 357 9.62 -7.00 -23.89
N PRO A 358 9.93 -7.56 -25.08
CA PRO A 358 11.35 -7.76 -25.46
C PRO A 358 12.08 -6.45 -25.51
N THR A 359 13.13 -6.38 -24.71
CA THR A 359 14.01 -5.23 -24.55
C THR A 359 13.23 -4.08 -23.90
N GLY A 360 12.14 -4.45 -23.23
CA GLY A 360 11.19 -3.49 -22.60
C GLY A 360 10.88 -3.85 -21.17
N GLU A 361 9.71 -3.45 -20.66
CA GLU A 361 9.44 -3.60 -19.21
C GLU A 361 8.14 -4.37 -18.98
N SER A 362 7.93 -4.80 -17.73
CA SER A 362 6.70 -5.35 -17.23
C SER A 362 6.07 -4.38 -16.17
N TYR A 363 4.83 -4.65 -15.77
CA TYR A 363 4.26 -3.88 -14.63
C TYR A 363 5.12 -4.04 -13.41
N GLN A 364 5.68 -5.23 -13.25
CA GLN A 364 6.60 -5.50 -12.13
C GLN A 364 7.81 -4.60 -12.11
N ASP A 365 8.42 -4.37 -13.28
CA ASP A 365 9.48 -3.36 -13.34
C ASP A 365 8.98 -1.93 -12.98
N LEU A 366 7.81 -1.58 -13.46
CA LEU A 366 7.20 -0.30 -13.19
C LEU A 366 7.17 -0.06 -11.68
N VAL A 367 6.66 -1.05 -10.96
CA VAL A 367 6.62 -0.97 -9.52
C VAL A 367 7.91 -0.52 -8.88
N GLN A 368 9.04 -1.17 -9.19
CA GLN A 368 10.36 -0.81 -8.60
C GLN A 368 10.73 0.59 -8.96
N ARG A 369 10.47 0.96 -10.22
CA ARG A 369 10.84 2.28 -10.66
C ARG A 369 9.91 3.34 -10.02
N LEU A 370 8.67 2.99 -9.68
CA LEU A 370 7.79 4.03 -9.05
C LEU A 370 8.02 4.11 -7.53
N GLU A 371 8.75 3.19 -6.94
CA GLU A 371 8.89 3.23 -5.47
C GLU A 371 9.29 4.60 -4.87
N PRO A 372 10.29 5.31 -5.47
CA PRO A 372 10.57 6.68 -4.95
C PRO A 372 9.43 7.69 -5.14
N VAL A 373 8.59 7.51 -6.18
CA VAL A 373 7.42 8.37 -6.37
C VAL A 373 6.45 8.12 -5.22
N ILE A 374 6.21 6.87 -4.88
CA ILE A 374 5.31 6.55 -3.79
C ILE A 374 5.84 7.13 -2.45
N MET A 375 7.12 6.97 -2.23
CA MET A 375 7.74 7.48 -1.02
C MET A 375 7.59 8.99 -0.97
N GLU A 376 7.78 9.68 -2.10
CA GLU A 376 7.65 11.14 -2.04
C GLU A 376 6.16 11.58 -1.92
N LEU A 377 5.25 10.84 -2.58
CA LEU A 377 3.83 11.13 -2.43
C LEU A 377 3.44 11.06 -0.95
N GLU A 378 3.94 10.09 -0.20
CA GLU A 378 3.62 9.98 1.22
C GLU A 378 3.99 11.24 1.98
N ARG A 379 5.05 11.93 1.50
CA ARG A 379 5.58 13.11 2.23
C ARG A 379 4.80 14.32 1.84
N GLN A 380 4.08 14.25 0.73
CA GLN A 380 3.41 15.47 0.23
C GLN A 380 2.09 15.79 0.85
N GLU A 381 1.60 16.97 0.54
CA GLU A 381 0.28 17.35 0.89
C GLU A 381 -0.57 17.18 -0.41
N ASN A 382 -1.23 18.22 -0.88
CA ASN A 382 -1.97 18.12 -2.14
C ASN A 382 -1.09 17.94 -3.37
N VAL A 383 -1.34 16.90 -4.15
CA VAL A 383 -0.56 16.61 -5.37
C VAL A 383 -1.44 16.11 -6.50
N LEU A 384 -1.16 16.59 -7.71
CA LEU A 384 -1.78 16.13 -8.94
C LEU A 384 -0.64 15.51 -9.77
N VAL A 385 -0.84 14.26 -10.17
CA VAL A 385 0.10 13.49 -10.91
C VAL A 385 -0.51 13.26 -12.29
N ILE A 386 0.15 13.77 -13.36
CA ILE A 386 -0.31 13.62 -14.72
C ILE A 386 0.62 12.58 -15.43
N CYS A 387 0.14 11.38 -15.69
CA CYS A 387 1.03 10.36 -16.10
C CYS A 387 0.43 9.54 -17.22
N HIS A 388 0.54 8.21 -17.16
CA HIS A 388 0.21 7.34 -18.31
C HIS A 388 -0.49 6.12 -17.79
N GLN A 389 -1.15 5.41 -18.70
CA GLN A 389 -2.13 4.40 -18.29
C GLN A 389 -1.51 3.37 -17.35
N ALA A 390 -0.38 2.74 -17.73
CA ALA A 390 0.14 1.67 -16.86
C ALA A 390 0.68 2.23 -15.54
N VAL A 391 1.26 3.45 -15.61
CA VAL A 391 1.84 4.09 -14.41
C VAL A 391 0.70 4.37 -13.48
N LEU A 392 -0.39 4.86 -14.06
CA LEU A 392 -1.55 5.19 -13.23
C LEU A 392 -2.16 3.94 -12.53
N ARG A 393 -2.31 2.87 -13.27
CA ARG A 393 -2.80 1.64 -12.64
C ARG A 393 -1.88 1.23 -11.53
N CYS A 394 -0.59 1.37 -11.74
CA CYS A 394 0.39 0.88 -10.75
C CYS A 394 0.32 1.73 -9.46
N LEU A 395 0.14 3.03 -9.62
CA LEU A 395 0.00 3.91 -8.43
C LEU A 395 -1.38 3.70 -7.74
N LEU A 396 -2.41 3.57 -8.55
CA LEU A 396 -3.76 3.33 -8.03
C LEU A 396 -3.74 1.99 -7.22
N ALA A 397 -3.03 0.97 -7.72
CA ALA A 397 -3.05 -0.32 -6.98
C ALA A 397 -2.44 -0.12 -5.60
N TYR A 398 -1.44 0.74 -5.48
CA TYR A 398 -0.84 0.96 -4.19
C TYR A 398 -1.86 1.70 -3.28
N PHE A 399 -2.48 2.78 -3.77
CA PHE A 399 -3.39 3.48 -2.86
C PHE A 399 -4.71 2.71 -2.46
N LEU A 400 -5.18 1.83 -3.33
CA LEU A 400 -6.44 1.11 -3.16
C LEU A 400 -6.20 -0.33 -2.79
N ASP A 401 -4.94 -0.67 -2.53
CA ASP A 401 -4.60 -2.01 -2.06
C ASP A 401 -5.05 -3.10 -3.03
N LYS A 402 -4.76 -2.94 -4.31
CA LYS A 402 -5.06 -4.00 -5.27
C LYS A 402 -3.87 -4.89 -5.51
N SER A 403 -4.14 -6.15 -5.78
CA SER A 403 -3.08 -7.07 -5.97
C SER A 403 -2.44 -6.89 -7.35
N ALA A 404 -1.27 -7.52 -7.45
CA ALA A 404 -0.52 -7.59 -8.68
C ALA A 404 -1.36 -8.14 -9.82
N GLU A 405 -2.15 -9.16 -9.57
CA GLU A 405 -2.93 -9.74 -10.61
C GLU A 405 -4.05 -8.78 -11.10
N GLU A 406 -4.65 -7.98 -10.21
CA GLU A 406 -5.67 -7.05 -10.68
C GLU A 406 -5.10 -5.68 -11.25
N MET A 407 -3.89 -5.30 -10.79
CA MET A 407 -3.25 -4.01 -11.18
C MET A 407 -3.31 -3.68 -12.67
N PRO A 408 -2.89 -4.57 -13.58
CA PRO A 408 -2.89 -4.26 -15.02
C PRO A 408 -4.25 -4.11 -15.70
N TYR A 409 -5.34 -4.40 -14.96
CA TYR A 409 -6.70 -4.35 -15.48
C TYR A 409 -7.53 -3.21 -14.81
N LEU A 410 -6.97 -2.45 -13.88
CA LEU A 410 -7.75 -1.39 -13.22
C LEU A 410 -8.24 -0.40 -14.30
N LYS A 411 -9.48 0.10 -14.22
CA LYS A 411 -10.04 1.09 -15.20
C LYS A 411 -9.46 2.49 -15.02
N CYS A 412 -8.88 3.07 -16.05
CA CYS A 412 -8.22 4.38 -16.03
C CYS A 412 -8.53 5.10 -17.34
N PRO A 413 -9.83 5.46 -17.63
CA PRO A 413 -10.06 6.02 -18.97
C PRO A 413 -9.40 7.38 -19.15
N LEU A 414 -9.26 7.78 -20.41
CA LEU A 414 -8.75 9.09 -20.70
C LEU A 414 -9.71 10.13 -20.14
N HIS A 415 -9.15 11.30 -19.82
CA HIS A 415 -9.90 12.52 -19.60
C HIS A 415 -10.68 12.41 -18.32
N THR A 416 -10.23 11.50 -17.47
CA THR A 416 -10.88 11.24 -16.22
C THR A 416 -9.92 11.42 -15.06
N VAL A 417 -10.21 12.30 -14.11
CA VAL A 417 -9.39 12.44 -12.91
C VAL A 417 -9.80 11.47 -11.80
N LEU A 418 -8.83 10.85 -11.12
CA LEU A 418 -9.11 10.09 -9.92
C LEU A 418 -8.69 10.83 -8.69
N LYS A 419 -9.66 11.07 -7.81
CA LYS A 419 -9.42 11.86 -6.67
C LYS A 419 -9.39 10.97 -5.45
N LEU A 420 -8.25 10.93 -4.78
CA LEU A 420 -8.03 10.05 -3.62
C LEU A 420 -7.94 10.83 -2.35
N THR A 421 -8.77 10.44 -1.35
CA THR A 421 -8.79 11.12 -0.10
C THR A 421 -8.79 10.08 1.01
N PRO A 422 -8.28 10.40 2.21
CA PRO A 422 -8.16 9.40 3.29
C PRO A 422 -9.48 9.13 3.97
N VAL A 423 -9.89 7.89 4.12
CA VAL A 423 -10.93 7.62 5.04
C VAL A 423 -10.69 6.34 5.80
N ALA A 424 -10.85 6.45 7.11
CA ALA A 424 -10.74 5.37 8.05
C ALA A 424 -9.31 4.84 7.88
N TYR A 425 -9.12 3.62 7.42
CA TYR A 425 -7.76 3.11 7.36
C TYR A 425 -7.23 3.11 5.89
N GLY A 426 -7.83 3.89 4.98
CA GLY A 426 -7.44 3.77 3.57
C GLY A 426 -7.73 5.00 2.76
N CYS A 427 -7.92 4.77 1.47
CA CYS A 427 -8.19 5.81 0.46
C CYS A 427 -9.54 5.53 -0.17
N ARG A 428 -10.37 6.58 -0.19
CA ARG A 428 -11.54 6.65 -1.03
C ARG A 428 -11.10 7.22 -2.40
N VAL A 429 -11.64 6.62 -3.46
CA VAL A 429 -11.47 7.13 -4.76
C VAL A 429 -12.80 7.70 -5.33
N GLU A 430 -12.77 8.93 -5.86
CA GLU A 430 -13.84 9.44 -6.68
C GLU A 430 -13.32 9.73 -8.05
N SER A 431 -14.11 9.36 -9.05
CA SER A 431 -13.83 9.54 -10.45
C SER A 431 -14.48 10.88 -10.91
N ILE A 432 -13.75 11.74 -11.61
CA ILE A 432 -14.34 12.94 -12.16
C ILE A 432 -13.97 12.97 -13.64
N TYR A 433 -14.95 12.72 -14.50
CA TYR A 433 -14.76 12.74 -15.93
C TYR A 433 -14.99 14.20 -16.39
N LEU A 434 -14.08 14.74 -17.21
CA LEU A 434 -14.07 16.17 -17.51
C LEU A 434 -14.79 16.50 -18.85
N ASN A 435 -15.58 15.55 -19.35
CA ASN A 435 -16.54 15.81 -20.37
C ASN A 435 -15.92 16.16 -21.71
N VAL A 436 -14.82 15.51 -22.05
CA VAL A 436 -14.18 15.71 -23.33
C VAL A 436 -13.98 14.33 -23.91
N GLU A 437 -14.40 14.16 -25.14
CA GLU A 437 -14.38 12.87 -25.79
C GLU A 437 -12.94 12.45 -26.08
N SER A 438 -12.72 11.14 -26.22
CA SER A 438 -11.44 10.61 -26.61
C SER A 438 -11.70 9.29 -27.27
N VAL A 439 -10.73 8.69 -27.96
CA VAL A 439 -10.91 7.27 -28.37
C VAL A 439 -11.10 6.46 -27.10
N CYS A 440 -11.68 5.25 -27.22
CA CYS A 440 -12.00 4.46 -25.99
C CYS A 440 -10.75 3.73 -25.42
N THR A 441 -10.93 3.08 -24.25
CA THR A 441 -9.92 2.17 -23.71
C THR A 441 -9.79 0.98 -24.68
N HIS A 442 -8.64 0.30 -24.66
CA HIS A 442 -8.47 -0.88 -25.52
C HIS A 442 -9.44 -2.04 -25.10
N ARG A 443 -9.71 -2.17 -23.78
CA ARG A 443 -10.65 -3.18 -23.25
C ARG A 443 -12.05 -3.07 -23.86
N GLU A 444 -12.59 -1.83 -23.89
CA GLU A 444 -13.93 -1.53 -24.46
C GLU A 444 -14.08 -1.86 -25.97
N ARG A 445 -13.04 -1.57 -26.76
CA ARG A 445 -12.98 -1.95 -28.18
C ARG A 445 -13.14 -3.49 -28.38
N SER A 446 -12.33 -4.25 -27.62
CA SER A 446 -12.34 -5.72 -27.67
C SER A 446 -13.71 -6.36 -27.44
N GLU A 447 -14.49 -5.79 -26.51
CA GLU A 447 -15.85 -6.25 -26.18
C GLU A 447 -16.98 -5.26 -26.58
P1 POP B . -7.56 -6.37 21.28
O1 POP B . -8.76 -7.28 21.16
O2 POP B . -6.35 -6.92 20.56
O3 POP B . -7.92 -4.98 20.79
O POP B . -7.17 -6.36 22.84
P2 POP B . -5.85 -6.95 23.51
O4 POP B . -6.17 -8.26 24.14
O5 POP B . -5.41 -5.87 24.47
O6 POP B . -4.76 -7.15 22.48
P1 POP C . -6.15 2.52 15.33
O1 POP C . -7.35 1.59 15.10
O2 POP C . -6.47 4.00 15.37
O3 POP C . -5.08 2.29 14.29
O POP C . -5.42 2.36 16.75
P2 POP C . -5.10 1.06 17.60
O4 POP C . -6.18 0.87 18.72
O5 POP C . -3.76 1.32 18.28
O6 POP C . -4.92 -0.14 16.73
P1 POP D . 1.39 6.93 -23.88
O1 POP D . 2.29 5.71 -23.99
O2 POP D . 2.18 8.13 -23.35
O3 POP D . 0.64 7.21 -25.20
O POP D . 0.33 6.92 -22.63
P2 POP D . -0.88 5.91 -22.41
O4 POP D . -0.20 4.53 -22.37
O5 POP D . -1.47 6.50 -21.14
O6 POP D . -1.89 5.96 -23.58
O1 SRT E . -6.60 -3.10 -22.82
O11 SRT E . -6.21 -1.70 -21.36
C1 SRT E . -5.83 -2.24 -22.38
C2 SRT E . -4.52 -1.98 -23.12
O2 SRT E . -3.49 -1.30 -22.45
C3 SRT E . -3.63 -3.16 -22.89
O3 SRT E . -3.46 -2.79 -21.50
C4 SRT E . -4.33 -4.46 -23.29
O4 SRT E . -5.00 -5.13 -22.48
O41 SRT E . -4.23 -4.85 -24.46
O1 SRT F . 9.95 18.91 -1.27
O11 SRT F . 7.93 19.23 -0.48
C1 SRT F . 8.97 18.52 -0.54
C2 SRT F . 9.03 17.24 0.34
O2 SRT F . 9.76 16.08 -0.05
C3 SRT F . 9.84 17.47 1.57
O3 SRT F . 10.90 18.43 1.25
C4 SRT F . 8.77 17.83 2.50
O4 SRT F . 8.92 17.51 3.69
O41 SRT F . 7.72 18.40 2.06
C1 EDO G . -6.37 -3.82 17.48
O1 EDO G . -6.35 -2.39 17.31
C2 EDO G . -5.18 -4.08 18.38
O2 EDO G . -5.48 -3.64 19.73
C1 EDO H . -4.53 -4.61 30.45
O1 EDO H . -4.36 -5.75 29.60
C2 EDO H . -6.01 -4.31 30.35
O2 EDO H . -6.62 -5.51 30.81
#